data_3CXM
#
_entry.id   3CXM
#
_cell.length_a   75.320
_cell.length_b   75.320
_cell.length_c   105.703
_cell.angle_alpha   90.000
_cell.angle_beta   90.000
_cell.angle_gamma   120.000
#
_symmetry.space_group_name_H-M   'P 61'
#
loop_
_entity.id
_entity.type
_entity.pdbx_description
1 polymer 'Uracil-DNA glycosylase'
2 non-polymer 'BROMIDE ION'
3 non-polymer 5-bromopyrimidine-2,4(1H,3H)-dione
4 non-polymer URACIL
5 non-polymer GLYCEROL
6 water water
#
_entity_poly.entity_id   1
_entity_poly.type   'polypeptide(L)'
_entity_poly.pdbx_seq_one_letter_code
;MAHHHHHHMGTLEAQTQGPGSMMSVSSSRWLAGLITNPEWRDFLAPITADSWRKGAFIRIERFLDEEKEKGRVILPPAAD
IFNAFNSCPFRGLKVVLLGQDPYHDLHQAHGLCFSVLPEVPLPPSLRNIYKELTTDIAGFQAPKHGYLQSWSEQGMLMLN
ATLTVEAHKANSHSKTSGWAAFTDAVIQHLSQHHPNRLVFLLWGGYAQQKKRLIDANRHVVLENVHPSPLSANRGWFGCR
CFSACNEALQRMSHLPMHWQLPLNAPLH
;
_entity_poly.pdbx_strand_id   A
#
# COMPACT_ATOMS: atom_id res chain seq x y z
N VAL A 25 -17.15 -13.30 -11.53
CA VAL A 25 -16.08 -12.60 -12.33
C VAL A 25 -16.60 -11.21 -12.71
N SER A 26 -15.83 -10.20 -12.35
CA SER A 26 -16.26 -8.82 -12.55
C SER A 26 -16.68 -8.58 -14.00
N SER A 27 -17.76 -7.81 -14.14
CA SER A 27 -18.19 -7.30 -15.45
C SER A 27 -17.47 -6.04 -15.89
N SER A 28 -16.54 -5.55 -15.07
CA SER A 28 -15.79 -4.33 -15.45
C SER A 28 -15.09 -4.54 -16.76
N ARG A 29 -14.95 -3.42 -17.52
CA ARG A 29 -14.32 -3.46 -18.84
CA ARG A 29 -14.32 -3.48 -18.84
C ARG A 29 -12.82 -3.72 -18.75
N TRP A 30 -12.20 -3.12 -17.75
CA TRP A 30 -10.76 -3.19 -17.68
C TRP A 30 -10.17 -3.20 -16.27
N LEU A 31 -10.87 -2.64 -15.29
CA LEU A 31 -10.26 -2.44 -13.98
C LEU A 31 -9.89 -3.76 -13.33
N ALA A 32 -10.80 -4.75 -13.31
CA ALA A 32 -10.51 -6.01 -12.64
C ALA A 32 -9.37 -6.75 -13.32
N GLY A 33 -9.26 -6.57 -14.62
CA GLY A 33 -8.23 -7.23 -15.39
C GLY A 33 -6.84 -6.73 -15.13
N LEU A 34 -6.74 -5.61 -14.43
CA LEU A 34 -5.45 -5.13 -14.02
C LEU A 34 -4.86 -5.92 -12.86
N ILE A 35 -5.66 -6.77 -12.24
CA ILE A 35 -5.17 -7.66 -11.19
C ILE A 35 -4.71 -8.91 -11.94
N THR A 36 -3.41 -9.05 -12.12
CA THR A 36 -2.86 -10.06 -13.01
C THR A 36 -2.38 -11.32 -12.29
N ASN A 37 -2.07 -11.23 -11.02
CA ASN A 37 -1.61 -12.39 -10.32
C ASN A 37 -2.80 -13.30 -9.99
N PRO A 38 -2.75 -14.58 -10.38
CA PRO A 38 -3.93 -15.41 -10.20
C PRO A 38 -4.37 -15.62 -8.77
N GLU A 39 -3.42 -15.76 -7.85
CA GLU A 39 -3.83 -15.98 -6.47
C GLU A 39 -4.57 -14.79 -5.92
N TRP A 40 -4.09 -13.59 -6.23
CA TRP A 40 -4.78 -12.39 -5.77
C TRP A 40 -6.13 -12.20 -6.48
N ARG A 41 -6.16 -12.49 -7.77
CA ARG A 41 -7.42 -12.40 -8.50
CA ARG A 41 -7.42 -12.39 -8.50
C ARG A 41 -8.47 -13.23 -7.80
N ASP A 42 -8.11 -14.48 -7.44
CA ASP A 42 -9.07 -15.39 -6.80
CA ASP A 42 -9.07 -15.40 -6.79
C ASP A 42 -9.44 -14.90 -5.41
N PHE A 43 -8.44 -14.46 -4.66
CA PHE A 43 -8.68 -14.00 -3.27
C PHE A 43 -9.58 -12.78 -3.26
N LEU A 44 -9.33 -11.85 -4.16
CA LEU A 44 -10.07 -10.59 -4.19
C LEU A 44 -11.43 -10.68 -4.92
N ALA A 45 -11.72 -11.85 -5.52
CA ALA A 45 -12.92 -12.01 -6.34
C ALA A 45 -14.22 -11.62 -5.64
N PRO A 46 -14.38 -11.89 -4.35
CA PRO A 46 -15.65 -11.49 -3.75
C PRO A 46 -15.79 -9.98 -3.57
N ILE A 47 -14.70 -9.24 -3.74
CA ILE A 47 -14.74 -7.77 -3.62
C ILE A 47 -14.85 -7.19 -5.03
N THR A 48 -14.13 -7.74 -5.99
CA THR A 48 -14.24 -7.22 -7.33
C THR A 48 -15.50 -7.68 -8.03
N ALA A 49 -16.20 -8.65 -7.46
CA ALA A 49 -17.48 -9.12 -7.95
C ALA A 49 -18.47 -8.00 -8.11
N ASP A 50 -19.30 -8.14 -9.14
CA ASP A 50 -20.34 -7.16 -9.39
C ASP A 50 -21.24 -6.96 -8.15
N SER A 51 -21.48 -8.06 -7.43
CA SER A 51 -22.36 -8.00 -6.30
C SER A 51 -21.86 -7.20 -5.09
N TRP A 52 -20.54 -6.98 -5.01
CA TRP A 52 -20.00 -6.28 -3.87
C TRP A 52 -20.51 -4.84 -3.88
N ARG A 53 -21.22 -4.50 -2.80
CA ARG A 53 -21.83 -3.18 -2.64
C ARG A 53 -22.63 -2.79 -3.90
N LYS A 54 -23.27 -3.80 -4.49
CA LYS A 54 -24.18 -3.60 -5.59
C LYS A 54 -23.57 -2.72 -6.64
N GLY A 55 -22.47 -3.23 -7.21
CA GLY A 55 -21.84 -2.59 -8.36
C GLY A 55 -20.77 -1.56 -8.08
N ALA A 56 -20.27 -1.54 -6.86
CA ALA A 56 -19.31 -0.50 -6.47
C ALA A 56 -18.05 -0.54 -7.25
N PHE A 57 -17.57 -1.72 -7.59
CA PHE A 57 -16.28 -1.81 -8.31
C PHE A 57 -16.40 -1.22 -9.71
N ILE A 58 -17.51 -1.52 -10.37
CA ILE A 58 -17.83 -0.92 -11.66
C ILE A 58 -17.90 0.59 -11.56
N ARG A 59 -18.43 1.08 -10.44
CA ARG A 59 -18.52 2.52 -10.30
C ARG A 59 -17.16 3.16 -10.14
N ILE A 60 -16.20 2.47 -9.52
CA ILE A 60 -14.83 2.97 -9.50
C ILE A 60 -14.27 3.09 -10.90
N GLU A 61 -14.49 2.07 -11.69
CA GLU A 61 -14.05 2.11 -13.07
C GLU A 61 -14.68 3.25 -13.82
N ARG A 62 -15.99 3.42 -13.64
CA ARG A 62 -16.73 4.45 -14.40
C ARG A 62 -16.22 5.81 -14.00
N PHE A 63 -15.94 5.98 -12.70
CA PHE A 63 -15.33 7.22 -12.23
C PHE A 63 -14.04 7.49 -12.97
N LEU A 64 -13.15 6.51 -13.06
CA LEU A 64 -11.85 6.72 -13.70
C LEU A 64 -12.05 7.00 -15.19
N ASP A 65 -13.00 6.33 -15.83
CA ASP A 65 -13.31 6.60 -17.24
C ASP A 65 -13.75 8.04 -17.41
N GLU A 66 -14.62 8.51 -16.52
CA GLU A 66 -15.14 9.88 -16.63
C GLU A 66 -14.06 10.93 -16.41
N GLU A 67 -13.13 10.64 -15.50
CA GLU A 67 -12.06 11.58 -15.26
CA GLU A 67 -11.98 11.52 -15.24
C GLU A 67 -11.18 11.68 -16.51
N LYS A 68 -10.91 10.55 -17.15
CA LYS A 68 -10.14 10.57 -18.39
C LYS A 68 -10.88 11.35 -19.49
N GLU A 69 -12.19 11.12 -19.59
CA GLU A 69 -13.01 11.81 -20.61
CA GLU A 69 -13.05 11.81 -20.59
C GLU A 69 -12.96 13.33 -20.41
N LYS A 70 -12.82 13.75 -19.14
CA LYS A 70 -12.68 15.17 -18.82
C LYS A 70 -11.30 15.72 -19.11
N GLY A 71 -10.36 14.90 -19.60
CA GLY A 71 -9.02 15.36 -19.83
C GLY A 71 -8.09 15.39 -18.64
N ARG A 72 -8.47 14.72 -17.57
CA ARG A 72 -7.65 14.72 -16.38
C ARG A 72 -6.60 13.63 -16.47
N VAL A 73 -5.42 13.93 -15.95
CA VAL A 73 -4.32 13.00 -15.95
C VAL A 73 -4.34 12.26 -14.64
N ILE A 74 -4.57 10.94 -14.67
CA ILE A 74 -4.70 10.14 -13.46
C ILE A 74 -3.50 9.24 -13.30
N LEU A 75 -2.97 9.23 -12.07
CA LEU A 75 -1.78 8.50 -11.68
C LEU A 75 -2.11 7.49 -10.60
N PRO A 76 -1.29 6.44 -10.49
CA PRO A 76 -0.27 6.01 -11.43
C PRO A 76 -0.94 5.52 -12.72
N PRO A 77 -0.16 5.21 -13.73
CA PRO A 77 -0.71 4.57 -14.91
C PRO A 77 -1.48 3.29 -14.59
N ALA A 78 -2.43 2.95 -15.46
CA ALA A 78 -3.28 1.81 -15.25
C ALA A 78 -2.53 0.56 -14.87
N ALA A 79 -1.48 0.27 -15.58
CA ALA A 79 -0.72 -0.95 -15.34
C ALA A 79 -0.08 -1.05 -13.95
N ASP A 80 0.00 0.05 -13.20
CA ASP A 80 0.57 0.08 -11.85
C ASP A 80 -0.48 0.21 -10.77
N ILE A 81 -1.75 0.41 -11.12
CA ILE A 81 -2.76 0.69 -10.10
C ILE A 81 -2.78 -0.38 -9.02
N PHE A 82 -2.71 -1.64 -9.47
CA PHE A 82 -2.75 -2.75 -8.53
C PHE A 82 -1.36 -3.41 -8.32
N ASN A 83 -0.28 -2.66 -8.47
CA ASN A 83 1.05 -3.21 -8.31
C ASN A 83 1.26 -3.78 -6.90
N ALA A 84 0.59 -3.23 -5.89
CA ALA A 84 0.81 -3.72 -4.52
C ALA A 84 0.45 -5.21 -4.46
N PHE A 85 -0.62 -5.58 -5.16
CA PHE A 85 -1.03 -7.00 -5.22
C PHE A 85 -0.17 -7.77 -6.19
N ASN A 86 0.01 -7.24 -7.40
CA ASN A 86 0.67 -8.01 -8.45
C ASN A 86 2.10 -8.38 -8.12
N SER A 87 2.77 -7.53 -7.35
CA SER A 87 4.19 -7.76 -7.02
C SER A 87 4.42 -8.51 -5.69
N CYS A 88 3.37 -8.71 -4.89
CA CYS A 88 3.50 -9.29 -3.54
C CYS A 88 3.02 -10.73 -3.60
N PRO A 89 3.86 -11.68 -3.17
CA PRO A 89 3.41 -13.07 -3.18
C PRO A 89 2.27 -13.33 -2.22
N PHE A 90 1.16 -13.82 -2.73
CA PHE A 90 -0.04 -14.00 -1.90
C PHE A 90 0.19 -14.93 -0.73
N ARG A 91 0.79 -16.08 -1.01
CA ARG A 91 0.98 -17.10 0.05
C ARG A 91 2.09 -16.75 1.02
N GLY A 92 2.96 -15.84 0.60
CA GLY A 92 4.04 -15.31 1.40
C GLY A 92 3.73 -14.04 2.18
N LEU A 93 2.51 -13.54 2.07
CA LEU A 93 2.13 -12.24 2.69
C LEU A 93 2.34 -12.35 4.20
N LYS A 94 3.00 -11.36 4.76
CA LYS A 94 3.27 -11.33 6.18
C LYS A 94 3.22 -9.96 6.80
N VAL A 95 3.38 -8.90 6.00
CA VAL A 95 3.30 -7.54 6.52
C VAL A 95 2.33 -6.76 5.60
N VAL A 96 1.55 -5.88 6.21
CA VAL A 96 0.68 -4.95 5.47
C VAL A 96 0.98 -3.55 5.99
N LEU A 97 1.40 -2.68 5.07
CA LEU A 97 1.71 -1.27 5.38
C LEU A 97 0.69 -0.41 4.66
N LEU A 98 -0.03 0.46 5.38
CA LEU A 98 -1.03 1.32 4.76
C LEU A 98 -0.52 2.71 4.52
N GLY A 99 -0.92 3.26 3.38
CA GLY A 99 -0.69 4.64 3.01
C GLY A 99 -2.02 5.31 2.76
N GLN A 100 -1.98 6.58 2.39
CA GLN A 100 -3.15 7.40 2.14
C GLN A 100 -3.50 7.39 0.64
N ASP A 101 -2.89 8.24 -0.17
CA ASP A 101 -3.08 8.19 -1.60
CA ASP A 101 -3.12 8.31 -1.60
C ASP A 101 -1.72 8.31 -2.29
N PRO A 102 -1.68 8.01 -3.61
CA PRO A 102 -0.43 7.98 -4.28
C PRO A 102 0.26 9.35 -4.42
N TYR A 103 1.57 9.33 -4.50
CA TYR A 103 2.30 10.50 -4.90
C TYR A 103 1.76 11.03 -6.19
N HIS A 104 1.78 12.37 -6.41
CA HIS A 104 0.96 12.96 -7.47
C HIS A 104 1.71 13.70 -8.58
N ASP A 105 3.02 13.58 -8.62
CA ASP A 105 3.78 14.11 -9.75
C ASP A 105 3.88 13.05 -10.84
N LEU A 106 4.14 13.54 -12.07
CA LEU A 106 4.29 12.59 -13.15
C LEU A 106 5.44 11.65 -12.92
N HIS A 107 5.26 10.39 -13.28
CA HIS A 107 6.37 9.47 -13.33
C HIS A 107 7.03 9.31 -11.94
N GLN A 108 6.21 9.23 -10.92
CA GLN A 108 6.69 9.10 -9.56
C GLN A 108 6.11 7.94 -8.83
N ALA A 109 4.79 7.94 -8.57
CA ALA A 109 4.14 6.77 -7.98
C ALA A 109 4.10 5.60 -8.95
N HIS A 110 4.10 4.39 -8.38
CA HIS A 110 4.00 3.21 -9.21
C HIS A 110 3.21 2.13 -8.51
N GLY A 111 2.28 2.51 -7.65
CA GLY A 111 1.35 1.53 -7.11
C GLY A 111 1.70 0.89 -5.77
N LEU A 112 2.77 1.34 -5.12
CA LEU A 112 3.09 0.95 -3.78
C LEU A 112 3.09 2.14 -2.89
N CYS A 113 2.52 2.06 -1.70
CA CYS A 113 2.60 3.16 -0.79
C CYS A 113 4.06 3.47 -0.50
N PHE A 114 4.34 4.77 -0.37
CA PHE A 114 5.63 5.38 -0.03
C PHE A 114 6.77 5.28 -1.05
N SER A 115 6.65 4.43 -2.03
CA SER A 115 7.68 4.12 -3.01
C SER A 115 7.65 5.11 -4.17
N VAL A 116 8.80 5.39 -4.76
CA VAL A 116 8.85 6.14 -5.97
C VAL A 116 9.69 5.42 -6.99
N LEU A 117 9.47 5.72 -8.26
CA LEU A 117 10.30 5.16 -9.33
C LEU A 117 11.75 5.62 -9.18
N PRO A 118 12.66 4.86 -9.74
CA PRO A 118 14.04 5.29 -9.71
C PRO A 118 14.23 6.63 -10.44
N GLU A 119 15.29 7.32 -10.11
CA GLU A 119 15.58 8.60 -10.75
C GLU A 119 14.68 9.75 -10.34
N VAL A 120 13.78 9.51 -9.41
CA VAL A 120 12.98 10.55 -8.79
C VAL A 120 13.60 10.90 -7.44
N PRO A 121 13.65 12.19 -7.08
CA PRO A 121 14.05 12.59 -5.71
C PRO A 121 13.21 11.93 -4.63
N LEU A 122 13.82 11.67 -3.47
CA LEU A 122 13.13 11.06 -2.34
C LEU A 122 12.14 12.08 -1.74
N PRO A 123 10.86 11.72 -1.62
CA PRO A 123 9.93 12.53 -0.90
C PRO A 123 10.29 12.62 0.57
N PRO A 124 9.82 13.68 1.25
CA PRO A 124 10.23 13.87 2.65
C PRO A 124 9.90 12.71 3.59
N SER A 125 8.71 12.16 3.49
CA SER A 125 8.33 11.02 4.32
C SER A 125 9.31 9.87 4.12
N LEU A 126 9.65 9.58 2.86
CA LEU A 126 10.58 8.51 2.58
C LEU A 126 12.01 8.73 3.11
N ARG A 127 12.47 9.98 3.02
CA ARG A 127 13.74 10.35 3.65
CA ARG A 127 13.75 10.30 3.61
C ARG A 127 13.72 9.97 5.10
N ASN A 128 12.63 10.31 5.77
CA ASN A 128 12.51 10.06 7.21
C ASN A 128 12.41 8.55 7.51
N ILE A 129 11.76 7.78 6.63
CA ILE A 129 11.72 6.31 6.75
C ILE A 129 13.14 5.77 6.64
N TYR A 130 13.91 6.24 5.66
CA TYR A 130 15.33 5.86 5.57
C TYR A 130 16.16 6.25 6.81
N LYS A 131 15.92 7.43 7.35
CA LYS A 131 16.64 7.83 8.55
C LYS A 131 16.37 6.86 9.68
N GLU A 132 15.11 6.49 9.85
CA GLU A 132 14.77 5.61 10.96
C GLU A 132 15.33 4.20 10.72
N LEU A 133 15.24 3.71 9.47
CA LEU A 133 15.84 2.41 9.14
C LEU A 133 17.34 2.42 9.48
N THR A 134 18.00 3.54 9.22
CA THR A 134 19.42 3.60 9.45
C THR A 134 19.77 3.45 10.93
N THR A 135 19.00 4.03 11.83
CA THR A 135 19.28 3.92 13.28
C THR A 135 18.70 2.64 13.87
N ASP A 136 17.62 2.15 13.31
CA ASP A 136 16.90 0.99 13.87
C ASP A 136 17.57 -0.34 13.47
N ILE A 137 17.86 -0.48 12.19
CA ILE A 137 18.33 -1.75 11.64
C ILE A 137 19.83 -1.67 11.48
N ALA A 138 20.51 -2.39 12.32
CA ALA A 138 21.96 -2.44 12.32
C ALA A 138 22.48 -2.70 10.92
N GLY A 139 23.28 -1.78 10.41
CA GLY A 139 23.94 -1.98 9.12
C GLY A 139 23.19 -1.55 7.90
N PHE A 140 21.95 -1.11 8.09
CA PHE A 140 21.18 -0.60 6.96
C PHE A 140 21.89 0.61 6.34
N GLN A 141 21.92 0.62 5.00
CA GLN A 141 22.47 1.67 4.20
CA GLN A 141 22.48 1.71 4.23
C GLN A 141 21.39 2.22 3.28
N ALA A 142 20.99 3.48 3.46
CA ALA A 142 19.93 4.02 2.62
C ALA A 142 20.45 4.17 1.19
N PRO A 143 19.66 3.76 0.21
CA PRO A 143 19.95 4.06 -1.18
C PRO A 143 19.65 5.52 -1.51
N LYS A 144 20.05 5.95 -2.71
CA LYS A 144 19.77 7.31 -3.16
C LYS A 144 18.43 7.38 -3.82
N HIS A 145 17.95 6.23 -4.30
CA HIS A 145 16.63 6.11 -4.91
C HIS A 145 15.60 5.67 -3.88
N GLY A 146 14.33 5.81 -4.30
CA GLY A 146 13.17 5.52 -3.44
C GLY A 146 12.30 4.36 -3.85
N TYR A 147 12.89 3.43 -4.58
CA TYR A 147 12.12 2.35 -5.18
C TYR A 147 12.11 1.13 -4.25
N LEU A 148 10.90 0.81 -3.73
CA LEU A 148 10.71 -0.14 -2.64
C LEU A 148 10.14 -1.46 -3.08
N GLN A 149 10.16 -1.73 -4.38
CA GLN A 149 9.52 -2.91 -4.91
C GLN A 149 10.10 -4.18 -4.32
N SER A 150 11.36 -4.17 -3.92
CA SER A 150 11.94 -5.41 -3.33
C SER A 150 11.35 -5.75 -1.99
N TRP A 151 10.74 -4.78 -1.31
CA TRP A 151 10.04 -5.11 -0.07
C TRP A 151 8.77 -5.84 -0.41
N SER A 152 8.04 -5.32 -1.40
CA SER A 152 6.75 -5.93 -1.79
C SER A 152 6.98 -7.40 -2.15
N GLU A 153 8.04 -7.67 -2.91
CA GLU A 153 8.36 -9.00 -3.38
C GLU A 153 8.62 -10.04 -2.29
N GLN A 154 8.91 -9.55 -1.08
CA GLN A 154 9.13 -10.43 0.07
C GLN A 154 7.89 -10.83 0.77
N GLY A 155 6.75 -10.23 0.45
CA GLY A 155 5.55 -10.48 1.19
C GLY A 155 5.05 -9.32 2.03
N MET A 156 5.29 -8.09 1.60
CA MET A 156 4.80 -6.88 2.27
C MET A 156 3.84 -6.16 1.34
N LEU A 157 2.56 -6.11 1.71
CA LEU A 157 1.52 -5.45 0.91
C LEU A 157 1.54 -3.96 1.22
N MET A 158 1.89 -3.16 0.23
CA MET A 158 2.14 -1.74 0.39
C MET A 158 0.92 -0.98 -0.19
N LEU A 159 -0.14 -0.96 0.62
CA LEU A 159 -1.48 -0.59 0.13
C LEU A 159 -1.84 0.87 0.50
N ASN A 160 -2.07 1.71 -0.49
CA ASN A 160 -2.70 3.00 -0.25
C ASN A 160 -4.20 2.83 -0.08
N ALA A 161 -4.83 3.68 0.73
CA ALA A 161 -6.28 3.64 0.88
C ALA A 161 -7.01 4.01 -0.39
N THR A 162 -6.42 4.97 -1.09
CA THR A 162 -6.92 5.49 -2.36
C THR A 162 -5.88 5.16 -3.40
N LEU A 163 -6.26 4.49 -4.50
CA LEU A 163 -5.27 3.93 -5.39
C LEU A 163 -4.97 4.78 -6.63
N THR A 164 -5.66 5.89 -6.80
CA THR A 164 -5.33 6.79 -7.89
C THR A 164 -5.40 8.24 -7.37
N VAL A 165 -4.88 9.14 -8.18
CA VAL A 165 -4.87 10.59 -7.82
C VAL A 165 -4.79 11.37 -9.14
N GLU A 166 -5.37 12.55 -9.19
CA GLU A 166 -5.13 13.43 -10.31
C GLU A 166 -3.81 14.13 -10.16
N ALA A 167 -3.09 14.28 -11.28
CA ALA A 167 -1.79 14.88 -11.27
C ALA A 167 -1.78 16.20 -10.54
N HIS A 168 -0.80 16.33 -9.66
CA HIS A 168 -0.51 17.51 -8.90
C HIS A 168 -1.52 17.87 -7.85
N LYS A 169 -2.51 17.01 -7.61
CA LYS A 169 -3.61 17.37 -6.70
CA LYS A 169 -3.60 17.37 -6.70
C LYS A 169 -3.75 16.32 -5.59
N ALA A 170 -3.00 16.49 -4.52
CA ALA A 170 -3.06 15.53 -3.39
C ALA A 170 -4.48 15.38 -2.91
N ASN A 171 -4.86 14.13 -2.60
CA ASN A 171 -6.17 13.78 -2.07
C ASN A 171 -7.30 13.93 -3.05
N SER A 172 -7.02 14.19 -4.32
CA SER A 172 -8.12 14.52 -5.25
C SER A 172 -9.14 13.40 -5.47
N HIS A 173 -8.73 12.13 -5.26
CA HIS A 173 -9.66 11.00 -5.47
C HIS A 173 -10.15 10.44 -4.16
N SER A 174 -9.71 11.01 -3.03
CA SER A 174 -10.05 10.43 -1.71
CA SER A 174 -10.05 10.39 -1.73
CA SER A 174 -10.03 10.38 -1.72
C SER A 174 -11.54 10.32 -1.47
N LYS A 175 -12.25 11.37 -1.77
CA LYS A 175 -13.70 11.43 -1.42
C LYS A 175 -14.58 11.01 -2.55
N THR A 176 -14.10 11.06 -3.80
CA THR A 176 -14.90 10.97 -5.01
C THR A 176 -14.81 9.59 -5.68
N SER A 177 -13.70 8.88 -5.49
CA SER A 177 -13.45 7.71 -6.32
C SER A 177 -14.14 6.45 -5.90
N GLY A 178 -14.35 6.31 -4.59
CA GLY A 178 -14.83 5.08 -4.06
C GLY A 178 -13.74 4.11 -3.67
N TRP A 179 -12.48 4.45 -3.87
CA TRP A 179 -11.44 3.48 -3.55
C TRP A 179 -11.38 3.12 -2.09
N ALA A 180 -11.59 4.06 -1.18
CA ALA A 180 -11.42 3.74 0.25
C ALA A 180 -12.33 2.64 0.70
N ALA A 181 -13.56 2.56 0.14
CA ALA A 181 -14.43 1.49 0.54
C ALA A 181 -13.85 0.15 0.07
N PHE A 182 -13.25 0.15 -1.10
CA PHE A 182 -12.62 -1.04 -1.65
C PHE A 182 -11.45 -1.52 -0.79
N THR A 183 -10.55 -0.58 -0.51
CA THR A 183 -9.39 -1.00 0.26
C THR A 183 -9.74 -1.34 1.70
N ASP A 184 -10.75 -0.64 2.27
CA ASP A 184 -11.26 -1.08 3.59
C ASP A 184 -11.72 -2.52 3.51
N ALA A 185 -12.47 -2.84 2.44
CA ALA A 185 -12.94 -4.20 2.25
C ALA A 185 -11.75 -5.19 2.14
N VAL A 186 -10.70 -4.81 1.44
CA VAL A 186 -9.51 -5.64 1.30
C VAL A 186 -8.90 -5.95 2.67
N ILE A 187 -8.74 -4.89 3.46
CA ILE A 187 -8.16 -5.04 4.81
C ILE A 187 -8.98 -6.01 5.63
N GLN A 188 -10.31 -5.82 5.66
CA GLN A 188 -11.15 -6.73 6.43
C GLN A 188 -11.06 -8.16 5.93
N HIS A 189 -11.06 -8.31 4.60
CA HIS A 189 -11.05 -9.64 4.00
C HIS A 189 -9.71 -10.32 4.26
N LEU A 190 -8.62 -9.59 4.19
CA LEU A 190 -7.33 -10.17 4.61
C LEU A 190 -7.38 -10.59 6.08
N SER A 191 -7.84 -9.70 6.93
CA SER A 191 -7.91 -10.05 8.36
C SER A 191 -8.66 -11.33 8.59
N GLN A 192 -9.82 -11.44 7.96
CA GLN A 192 -10.68 -12.58 8.23
CA GLN A 192 -10.67 -12.58 8.23
C GLN A 192 -10.25 -13.82 7.51
N HIS A 193 -9.73 -13.69 6.29
CA HIS A 193 -9.57 -14.84 5.42
C HIS A 193 -8.17 -15.16 4.89
N HIS A 194 -7.17 -14.28 5.09
CA HIS A 194 -5.85 -14.65 4.61
C HIS A 194 -5.38 -15.86 5.40
N PRO A 195 -4.71 -16.80 4.72
CA PRO A 195 -4.22 -17.99 5.45
C PRO A 195 -3.17 -17.71 6.52
N ASN A 196 -2.43 -16.61 6.39
CA ASN A 196 -1.35 -16.32 7.32
C ASN A 196 -1.76 -15.32 8.38
N ARG A 197 -1.09 -15.40 9.53
CA ARG A 197 -1.11 -14.33 10.52
C ARG A 197 -0.21 -13.22 9.98
N LEU A 198 -0.62 -11.98 10.20
CA LEU A 198 -0.04 -10.82 9.55
C LEU A 198 0.32 -9.76 10.57
N VAL A 199 1.33 -8.96 10.21
CA VAL A 199 1.69 -7.78 10.97
C VAL A 199 1.22 -6.55 10.15
N PHE A 200 0.36 -5.73 10.74
CA PHE A 200 -0.11 -4.49 10.13
C PHE A 200 0.65 -3.32 10.75
N LEU A 201 1.27 -2.51 9.88
CA LEU A 201 1.94 -1.34 10.33
C LEU A 201 1.07 -0.13 10.02
N LEU A 202 0.66 0.57 11.07
CA LEU A 202 -0.28 1.67 10.93
C LEU A 202 0.42 2.97 11.38
N TRP A 203 0.78 3.80 10.40
CA TRP A 203 1.54 5.00 10.68
C TRP A 203 0.64 6.20 10.47
N GLY A 204 0.45 6.94 11.55
CA GLY A 204 -0.40 8.13 11.52
C GLY A 204 -1.87 7.86 11.78
N GLY A 205 -2.64 8.92 12.10
CA GLY A 205 -4.01 8.74 12.53
C GLY A 205 -4.93 8.17 11.48
N TYR A 206 -4.68 8.49 10.22
CA TYR A 206 -5.52 8.06 9.11
C TYR A 206 -5.47 6.51 9.04
N ALA A 207 -4.25 6.00 8.98
CA ALA A 207 -4.06 4.55 8.94
C ALA A 207 -4.58 3.87 10.20
N GLN A 208 -4.38 4.53 11.34
CA GLN A 208 -4.76 3.92 12.62
C GLN A 208 -6.26 3.74 12.77
N GLN A 209 -7.03 4.53 12.02
CA GLN A 209 -8.50 4.33 11.94
C GLN A 209 -8.89 2.93 11.45
N LYS A 210 -8.01 2.31 10.67
CA LYS A 210 -8.28 0.98 10.12
C LYS A 210 -8.09 -0.15 11.15
N LYS A 211 -7.63 0.17 12.37
CA LYS A 211 -7.41 -0.88 13.34
C LYS A 211 -8.70 -1.65 13.63
N ARG A 212 -9.82 -0.94 13.57
CA ARG A 212 -11.09 -1.54 13.90
C ARG A 212 -11.53 -2.57 12.85
N LEU A 213 -10.84 -2.61 11.71
CA LEU A 213 -11.12 -3.58 10.65
C LEU A 213 -10.34 -4.87 10.84
N ILE A 214 -9.42 -4.87 11.78
CA ILE A 214 -8.41 -5.91 11.89
C ILE A 214 -8.61 -6.67 13.21
N ASP A 215 -8.51 -7.99 13.14
CA ASP A 215 -8.63 -8.87 14.31
C ASP A 215 -7.28 -8.88 14.95
N ALA A 216 -7.16 -8.10 16.04
CA ALA A 216 -5.88 -7.87 16.70
C ALA A 216 -5.57 -9.02 17.64
N ASN A 217 -6.45 -10.03 17.69
CA ASN A 217 -6.13 -11.28 18.38
C ASN A 217 -5.31 -12.18 17.49
N ARG A 218 -5.74 -12.32 16.24
CA ARG A 218 -5.05 -13.20 15.29
C ARG A 218 -3.81 -12.50 14.71
N HIS A 219 -3.91 -11.21 14.43
CA HIS A 219 -2.84 -10.49 13.78
C HIS A 219 -2.22 -9.53 14.77
N VAL A 220 -1.09 -8.98 14.38
CA VAL A 220 -0.33 -8.04 15.21
C VAL A 220 -0.44 -6.67 14.55
N VAL A 221 -0.83 -5.67 15.35
CA VAL A 221 -0.96 -4.28 14.86
C VAL A 221 0.06 -3.46 15.60
N LEU A 222 0.94 -2.83 14.83
CA LEU A 222 1.97 -1.95 15.37
C LEU A 222 1.69 -0.54 14.89
N GLU A 223 1.29 0.32 15.82
CA GLU A 223 0.95 1.72 15.50
C GLU A 223 2.10 2.65 15.84
N ASN A 224 2.34 3.63 14.97
CA ASN A 224 3.28 4.68 15.25
C ASN A 224 2.87 5.98 14.61
N VAL A 225 3.48 7.07 15.10
CA VAL A 225 3.37 8.40 14.52
C VAL A 225 3.82 8.36 13.06
N HIS A 226 3.25 9.22 12.21
CA HIS A 226 3.58 9.18 10.78
C HIS A 226 4.96 9.81 10.51
N PRO A 227 5.71 9.31 9.51
CA PRO A 227 7.06 9.80 9.24
C PRO A 227 7.14 11.16 8.55
N SER A 228 6.03 11.78 8.19
CA SER A 228 6.15 13.07 7.52
C SER A 228 6.73 14.06 8.49
N PRO A 229 7.35 15.11 8.01
CA PRO A 229 7.98 16.06 8.97
C PRO A 229 7.05 16.65 10.06
N LEU A 230 5.78 16.87 9.76
CA LEU A 230 4.87 17.54 10.70
C LEU A 230 4.81 16.75 11.98
N SER A 231 4.98 15.43 11.90
CA SER A 231 4.86 14.57 13.05
C SER A 231 6.14 13.88 13.43
N ALA A 232 7.11 13.81 12.51
CA ALA A 232 8.23 12.87 12.64
C ALA A 232 9.00 13.05 13.96
N ASN A 233 9.17 14.30 14.40
CA ASN A 233 9.93 14.54 15.62
C ASN A 233 9.10 14.37 16.88
N ARG A 234 7.82 14.05 16.69
CA ARG A 234 6.90 13.83 17.78
C ARG A 234 6.59 12.34 17.94
N GLY A 235 7.54 11.50 17.58
CA GLY A 235 7.42 10.10 17.86
C GLY A 235 7.85 9.09 16.81
N TRP A 236 8.16 9.58 15.62
CA TRP A 236 8.61 8.70 14.53
C TRP A 236 10.04 8.30 14.76
N PHE A 237 10.94 9.29 14.89
CA PHE A 237 12.35 8.95 15.12
C PHE A 237 12.51 8.25 16.46
N GLY A 238 13.23 7.14 16.45
CA GLY A 238 13.38 6.34 17.62
C GLY A 238 12.30 5.31 17.86
N CYS A 239 11.26 5.27 17.03
CA CYS A 239 10.17 4.33 17.29
C CYS A 239 10.53 2.86 17.03
N ARG A 240 11.58 2.63 16.25
CA ARG A 240 12.08 1.29 16.00
C ARG A 240 11.01 0.34 15.47
N CYS A 241 10.17 0.80 14.54
CA CYS A 241 9.08 -0.03 14.04
C CYS A 241 9.55 -1.16 13.15
N PHE A 242 10.74 -1.02 12.56
CA PHE A 242 11.20 -2.01 11.61
C PHE A 242 11.75 -3.22 12.32
N SER A 243 12.56 -2.97 13.33
CA SER A 243 12.97 -4.08 14.23
C SER A 243 11.75 -4.68 14.97
N ALA A 244 10.80 -3.84 15.42
CA ALA A 244 9.60 -4.39 16.14
C ALA A 244 8.80 -5.30 15.19
N CYS A 245 8.68 -4.88 13.95
CA CYS A 245 7.99 -5.71 12.95
C CYS A 245 8.69 -7.05 12.81
N ASN A 246 10.00 -7.02 12.71
CA ASN A 246 10.71 -8.28 12.57
C ASN A 246 10.66 -9.21 13.77
N GLU A 247 10.69 -8.62 14.97
CA GLU A 247 10.49 -9.38 16.21
C GLU A 247 9.13 -10.06 16.24
N ALA A 248 8.10 -9.32 15.83
CA ALA A 248 6.77 -9.86 15.75
C ALA A 248 6.74 -11.02 14.76
N LEU A 249 7.33 -10.80 13.58
CA LEU A 249 7.33 -11.87 12.57
C LEU A 249 8.02 -13.12 13.11
N GLN A 250 9.16 -12.91 13.74
CA GLN A 250 9.96 -14.04 14.25
C GLN A 250 9.16 -14.82 15.29
N ARG A 251 8.44 -14.11 16.16
CA ARG A 251 7.58 -14.74 17.18
CA ARG A 251 7.61 -14.78 17.17
C ARG A 251 6.48 -15.59 16.56
N MET A 252 6.02 -15.18 15.37
N MET A 252 6.01 -15.13 15.38
CA MET A 252 4.97 -15.89 14.67
CA MET A 252 4.98 -15.77 14.58
C MET A 252 5.56 -16.93 13.73
C MET A 252 5.55 -16.95 13.75
N SER A 253 6.87 -17.21 13.87
CA SER A 253 7.58 -18.22 13.02
C SER A 253 7.64 -17.84 11.52
N HIS A 254 7.49 -16.56 11.20
CA HIS A 254 7.63 -16.03 9.84
C HIS A 254 9.12 -15.74 9.59
N LEU A 255 9.48 -15.64 8.33
CA LEU A 255 10.76 -15.13 7.91
C LEU A 255 10.69 -13.64 8.05
N PRO A 256 11.68 -13.03 8.77
CA PRO A 256 11.66 -11.58 8.88
C PRO A 256 11.81 -10.86 7.57
N MET A 257 11.41 -9.59 7.55
CA MET A 257 11.75 -8.73 6.43
C MET A 257 13.26 -8.48 6.35
N HIS A 258 13.73 -8.41 5.11
CA HIS A 258 15.09 -8.00 4.81
C HIS A 258 14.96 -6.56 4.35
N TRP A 259 15.23 -5.64 5.27
CA TRP A 259 14.91 -4.24 5.00
C TRP A 259 15.88 -3.56 4.04
N GLN A 260 17.12 -4.09 3.99
CA GLN A 260 18.07 -3.49 3.06
C GLN A 260 17.54 -3.55 1.63
N LEU A 261 17.63 -2.41 0.98
CA LEU A 261 17.21 -2.23 -0.40
C LEU A 261 18.41 -2.25 -1.32
N PRO A 262 18.21 -2.67 -2.58
CA PRO A 262 19.31 -2.61 -3.53
C PRO A 262 19.82 -1.21 -3.66
N LEU A 263 21.14 -1.01 -3.69
CA LEU A 263 21.63 0.34 -3.76
C LEU A 263 21.54 0.83 -5.21
N ASN A 264 21.59 -0.08 -6.18
CA ASN A 264 21.21 0.27 -7.58
C ASN A 264 19.77 -0.16 -7.81
N ALA A 265 18.90 0.74 -8.25
CA ALA A 265 17.52 0.34 -8.63
C ALA A 265 17.50 -0.25 -10.04
N PRO A 266 16.57 -1.21 -10.30
CA PRO A 266 16.29 -1.68 -11.67
C PRO A 266 15.64 -0.60 -12.54
#